data_3DA1
#
_entry.id   3DA1
#
_cell.length_a   52.767
_cell.length_b   96.953
_cell.length_c   226.057
_cell.angle_alpha   90.00
_cell.angle_beta   90.00
_cell.angle_gamma   90.00
#
_symmetry.space_group_name_H-M   'C 2 2 21'
#
loop_
_entity.id
_entity.type
_entity.pdbx_description
1 polymer 'Glycerol-3-phosphate dehydrogenase'
2 non-polymer 'FLAVIN-ADENINE DINUCLEOTIDE'
3 water water
#
_entity_poly.entity_id   1
_entity_poly.type   'polypeptide(L)'
_entity_poly.pdbx_seq_one_letter_code
;(MSE)FSAKKRDKCIGE(MSE)SEKQLDLLVIGGGITGAGIALDAQVRGIQTGLVE(MSE)NDFASGTSSRSTKLVHGGL
RYLKQFEIKLVAEVGKERAIVYENAPHVTTPEW(MSE)LLPIFKDGTFGKFSTSLGLKVYDYLADVRKDERRY(MSE)LN
EKQTLEKEPLLRKENLKGGGIYVEYRTDDARLTLEI(MSE)KEAVARGAVALNY(MSE)KVESFIYDQGKVVGVVAKDRL
TDTTHTIYAKKVVNAAGPWVDTLREKDRSKHGKYLKLSKGVHLVVDQSRFPLRQAVYFDTESDGR(MSE)IFAIPREGKT
YIGTTDTFYDKDIASPR(MSE)TVEDRDYILAAANY(MSE)FPSLRLTADDVESSWAGLRPLIHEEGKKASEISRKDEIF
FSDSGLISIAGGKLTGYRK(MSE)AERTVDAVAQGLNVNEPCTTAAIRLSGGLAEGAQGFPRFLDEASRKGAKLGFDADE
VRRLAKLYGSNVDHVLNYAYEGKEEAEHYGLPALLLGQLQYGVEQE(MSE)VATPLDFFVRRTGALFFNISLVHQWKEAV
LRW(MSE)AEEFSWTEEEKTRFQNELETELK(MSE)AVDPLFQVEPTTVLEHHHHHH
;
_entity_poly.pdbx_strand_id   A
#
loop_
_chem_comp.id
_chem_comp.type
_chem_comp.name
_chem_comp.formula
FAD non-polymer 'FLAVIN-ADENINE DINUCLEOTIDE' 'C27 H33 N9 O15 P2'
#
# COMPACT_ATOMS: atom_id res chain seq x y z
N MSE A 1 -15.47 -11.40 11.76
CA MSE A 1 -15.41 -9.91 11.69
C MSE A 1 -14.81 -9.44 10.37
O MSE A 1 -15.44 -9.57 9.32
CB MSE A 1 -14.58 -9.40 12.87
CG MSE A 1 -13.28 -10.16 13.07
SE MSE A 1 -12.26 -9.40 14.50
CE MSE A 1 -10.95 -8.41 13.45
N PHE A 2 -13.61 -8.87 10.45
CA PHE A 2 -12.92 -8.36 9.26
C PHE A 2 -12.13 -9.52 8.64
N SER A 3 -12.83 -10.63 8.39
CA SER A 3 -12.20 -11.80 7.80
C SER A 3 -12.72 -12.03 6.40
N ALA A 4 -11.94 -12.74 5.61
CA ALA A 4 -12.31 -13.02 4.23
C ALA A 4 -13.17 -14.28 4.18
N LYS A 5 -13.56 -14.77 5.36
CA LYS A 5 -14.39 -15.96 5.46
C LYS A 5 -15.82 -15.57 5.85
N LYS A 6 -16.02 -14.28 6.11
CA LYS A 6 -17.34 -13.76 6.48
C LYS A 6 -17.88 -12.73 5.51
N ARG A 7 -17.33 -12.68 4.30
CA ARG A 7 -17.78 -11.72 3.29
C ARG A 7 -19.30 -11.66 3.15
N ASP A 8 -19.96 -12.81 3.02
CA ASP A 8 -21.41 -12.82 2.87
C ASP A 8 -22.10 -12.12 4.04
N LYS A 9 -21.53 -12.29 5.23
CA LYS A 9 -22.08 -11.67 6.42
C LYS A 9 -21.71 -10.19 6.44
N CYS A 10 -20.72 -9.81 5.63
CA CYS A 10 -20.29 -8.41 5.57
C CYS A 10 -20.94 -7.68 4.40
N ILE A 11 -21.43 -8.44 3.41
CA ILE A 11 -22.10 -7.85 2.25
C ILE A 11 -23.53 -7.51 2.65
N GLY A 12 -24.20 -8.48 3.25
CA GLY A 12 -25.57 -8.27 3.68
C GLY A 12 -25.62 -7.48 4.99
N GLU A 13 -24.47 -7.00 5.44
CA GLU A 13 -24.41 -6.23 6.67
C GLU A 13 -24.46 -4.74 6.37
N MSE A 14 -23.97 -4.36 5.18
CA MSE A 14 -24.01 -2.95 4.79
C MSE A 14 -25.07 -2.70 3.73
O MSE A 14 -25.35 -1.56 3.37
CB MSE A 14 -22.62 -2.48 4.30
CG MSE A 14 -22.18 -3.03 2.96
SE MSE A 14 -20.62 -2.09 2.27
CE MSE A 14 -19.24 -3.10 3.17
N SER A 15 -25.68 -3.79 3.26
CA SER A 15 -26.76 -3.68 2.28
C SER A 15 -28.05 -3.88 3.06
N GLU A 16 -27.97 -3.67 4.37
CA GLU A 16 -29.12 -3.81 5.26
C GLU A 16 -29.27 -2.50 6.04
N LYS A 17 -28.26 -2.17 6.84
CA LYS A 17 -28.25 -0.94 7.62
C LYS A 17 -27.93 0.22 6.67
N GLN A 18 -28.85 1.17 6.54
CA GLN A 18 -28.63 2.29 5.65
C GLN A 18 -27.37 3.06 6.03
N LEU A 19 -26.50 3.25 5.05
CA LEU A 19 -25.21 3.92 5.22
C LEU A 19 -25.29 5.44 5.03
N ASP A 20 -24.60 6.18 5.89
CA ASP A 20 -24.57 7.62 5.76
C ASP A 20 -23.61 7.94 4.64
N LEU A 21 -22.51 7.20 4.59
CA LEU A 21 -21.48 7.41 3.58
C LEU A 21 -20.92 6.12 3.00
N LEU A 22 -20.77 6.14 1.68
CA LEU A 22 -20.20 5.01 0.96
C LEU A 22 -19.06 5.58 0.13
N VAL A 23 -17.86 5.07 0.35
CA VAL A 23 -16.69 5.52 -0.40
C VAL A 23 -16.17 4.42 -1.32
N ILE A 24 -15.88 4.79 -2.57
CA ILE A 24 -15.36 3.88 -3.60
C ILE A 24 -13.84 4.01 -3.64
N GLY A 25 -13.14 2.95 -3.22
CA GLY A 25 -11.68 2.99 -3.23
C GLY A 25 -11.03 2.60 -1.92
N GLY A 26 -10.20 1.58 -1.99
CA GLY A 26 -9.51 1.09 -0.81
C GLY A 26 -8.10 1.62 -0.75
N GLY A 27 -7.86 2.74 -1.42
CA GLY A 27 -6.54 3.36 -1.41
C GLY A 27 -6.26 4.06 -0.09
N ILE A 28 -5.16 4.78 -0.01
CA ILE A 28 -4.84 5.48 1.22
C ILE A 28 -5.93 6.54 1.44
N THR A 29 -6.40 7.12 0.33
CA THR A 29 -7.46 8.13 0.37
C THR A 29 -8.82 7.56 0.81
N GLY A 30 -9.25 6.47 0.21
CA GLY A 30 -10.51 5.87 0.58
C GLY A 30 -10.51 5.49 2.04
N ALA A 31 -9.45 4.79 2.44
CA ALA A 31 -9.29 4.36 3.82
C ALA A 31 -9.26 5.62 4.68
N GLY A 32 -8.58 6.63 4.18
CA GLY A 32 -8.46 7.88 4.91
C GLY A 32 -9.80 8.52 5.22
N ILE A 33 -10.68 8.56 4.21
CA ILE A 33 -12.00 9.15 4.37
C ILE A 33 -12.78 8.25 5.31
N ALA A 34 -12.72 6.95 5.03
CA ALA A 34 -13.42 5.95 5.83
C ALA A 34 -13.18 6.13 7.33
N LEU A 35 -11.91 6.22 7.71
CA LEU A 35 -11.56 6.39 9.11
C LEU A 35 -12.10 7.71 9.68
N ASP A 36 -11.72 8.83 9.05
CA ASP A 36 -12.17 10.13 9.55
C ASP A 36 -13.67 10.24 9.67
N ALA A 37 -14.38 9.87 8.60
CA ALA A 37 -15.84 9.93 8.61
C ALA A 37 -16.40 9.11 9.76
N GLN A 38 -15.88 7.89 9.90
CA GLN A 38 -16.33 6.98 10.94
C GLN A 38 -16.13 7.54 12.35
N VAL A 39 -15.01 8.22 12.59
CA VAL A 39 -14.73 8.78 13.90
C VAL A 39 -15.44 10.11 14.17
N ARG A 40 -16.43 10.41 13.35
CA ARG A 40 -17.21 11.63 13.53
C ARG A 40 -18.69 11.24 13.60
N GLY A 41 -18.96 9.94 13.61
CA GLY A 41 -20.33 9.49 13.69
C GLY A 41 -21.02 9.25 12.35
N ILE A 42 -20.30 9.46 11.25
CA ILE A 42 -20.88 9.23 9.92
C ILE A 42 -20.66 7.75 9.56
N GLN A 43 -21.69 6.93 9.77
CA GLN A 43 -21.63 5.49 9.49
C GLN A 43 -21.20 5.26 8.05
N THR A 44 -19.95 4.85 7.86
CA THR A 44 -19.41 4.66 6.52
C THR A 44 -19.21 3.23 6.03
N GLY A 45 -19.38 3.05 4.73
CA GLY A 45 -19.15 1.77 4.09
C GLY A 45 -18.07 2.00 3.05
N LEU A 46 -17.24 1.00 2.77
CA LEU A 46 -16.21 1.17 1.75
C LEU A 46 -16.12 -0.04 0.83
N VAL A 47 -16.03 0.24 -0.47
CA VAL A 47 -15.94 -0.81 -1.48
C VAL A 47 -14.69 -0.69 -2.34
N GLU A 48 -13.87 -1.73 -2.27
CA GLU A 48 -12.61 -1.80 -3.01
C GLU A 48 -12.64 -2.94 -4.05
N MSE A 49 -12.53 -2.55 -5.32
CA MSE A 49 -12.55 -3.44 -6.49
C MSE A 49 -11.68 -4.70 -6.42
O MSE A 49 -12.12 -5.77 -6.79
CB MSE A 49 -12.19 -2.63 -7.74
CG MSE A 49 -12.15 -3.42 -9.03
SE MSE A 49 -11.82 -2.25 -10.54
CE MSE A 49 -9.88 -2.20 -10.58
N ASN A 50 -10.43 -4.56 -5.97
CA ASN A 50 -9.54 -5.71 -5.85
C ASN A 50 -9.12 -5.86 -4.40
N ASP A 51 -7.85 -5.60 -4.09
CA ASP A 51 -7.41 -5.69 -2.70
C ASP A 51 -7.20 -4.28 -2.17
N PHE A 52 -7.28 -4.15 -0.85
CA PHE A 52 -7.06 -2.85 -0.25
C PHE A 52 -5.61 -2.51 -0.60
N ALA A 53 -5.37 -1.26 -0.99
CA ALA A 53 -4.05 -0.77 -1.38
C ALA A 53 -3.53 -1.42 -2.66
N SER A 54 -4.36 -2.24 -3.30
CA SER A 54 -3.93 -2.91 -4.53
C SER A 54 -3.63 -1.92 -5.65
N GLY A 55 -4.19 -0.72 -5.55
CA GLY A 55 -3.94 0.28 -6.56
C GLY A 55 -2.60 0.98 -6.35
N THR A 56 -2.51 2.24 -6.78
CA THR A 56 -1.30 3.04 -6.67
C THR A 56 -0.71 3.17 -5.25
N SER A 57 -1.54 2.95 -4.21
CA SER A 57 -1.08 3.04 -2.82
C SER A 57 -0.15 1.92 -2.41
N SER A 58 0.20 1.06 -3.36
CA SER A 58 1.12 -0.03 -3.07
C SER A 58 2.24 0.02 -4.10
N ARG A 59 2.27 1.09 -4.88
CA ARG A 59 3.27 1.24 -5.92
C ARG A 59 3.99 2.60 -5.95
N SER A 60 4.21 3.20 -4.79
CA SER A 60 4.88 4.49 -4.71
C SER A 60 6.32 4.22 -4.29
N THR A 61 7.12 5.27 -4.09
CA THR A 61 8.51 5.02 -3.67
C THR A 61 8.48 4.85 -2.15
N LYS A 62 7.29 5.07 -1.59
CA LYS A 62 7.03 4.93 -0.14
C LYS A 62 7.71 5.96 0.75
N LEU A 63 7.80 7.21 0.30
CA LEU A 63 8.42 8.25 1.11
C LEU A 63 7.42 9.28 1.65
N VAL A 64 7.33 9.41 2.96
CA VAL A 64 6.43 10.41 3.53
C VAL A 64 7.23 11.73 3.52
N HIS A 65 6.97 12.56 2.52
CA HIS A 65 7.69 13.81 2.38
C HIS A 65 7.44 14.85 3.46
N GLY A 66 8.49 15.60 3.78
CA GLY A 66 8.37 16.63 4.79
C GLY A 66 8.91 17.96 4.31
N VAL A 82 3.07 20.04 6.64
CA VAL A 82 3.71 18.91 5.97
C VAL A 82 4.75 18.27 6.90
N GLY A 83 5.52 19.10 7.60
CA GLY A 83 6.49 18.57 8.52
C GLY A 83 5.71 18.02 9.70
N LYS A 84 4.78 18.85 10.20
CA LYS A 84 3.92 18.49 11.32
C LYS A 84 3.09 17.26 10.92
N GLU A 85 2.54 17.25 9.71
CA GLU A 85 1.73 16.13 9.25
C GLU A 85 2.53 14.83 9.17
N ARG A 86 3.81 14.95 8.86
CA ARG A 86 4.69 13.78 8.75
C ARG A 86 4.89 13.16 10.14
N ALA A 87 4.90 14.01 11.16
CA ALA A 87 5.04 13.56 12.55
C ALA A 87 3.79 12.76 12.92
N ILE A 88 2.62 13.39 12.79
CA ILE A 88 1.32 12.79 13.08
C ILE A 88 1.28 11.35 12.60
N VAL A 89 1.66 11.14 11.36
CA VAL A 89 1.66 9.82 10.75
C VAL A 89 2.57 8.88 11.52
N TYR A 90 3.83 9.29 11.70
CA TYR A 90 4.82 8.50 12.39
C TYR A 90 4.34 8.10 13.80
N GLU A 91 3.96 9.08 14.61
CA GLU A 91 3.51 8.81 15.97
C GLU A 91 2.30 7.89 16.09
N ASN A 92 1.40 7.96 15.12
CA ASN A 92 0.22 7.13 15.15
C ASN A 92 0.43 5.69 14.67
N ALA A 93 1.56 5.45 14.01
CA ALA A 93 1.90 4.12 13.50
C ALA A 93 3.41 4.03 13.23
N PRO A 94 4.21 3.98 14.30
CA PRO A 94 5.66 3.90 14.17
C PRO A 94 6.21 2.65 13.48
N HIS A 95 5.38 1.62 13.31
CA HIS A 95 5.85 0.40 12.68
C HIS A 95 5.69 0.43 11.17
N VAL A 96 4.92 1.40 10.69
CA VAL A 96 4.70 1.56 9.25
C VAL A 96 5.72 2.54 8.69
N THR A 97 6.00 3.61 9.44
CA THR A 97 6.96 4.62 8.99
C THR A 97 8.17 4.69 9.92
N THR A 98 9.33 4.90 9.34
CA THR A 98 10.59 4.98 10.09
C THR A 98 11.51 6.03 9.48
N PRO A 99 12.02 6.95 10.30
CA PRO A 99 12.90 7.94 9.69
C PRO A 99 14.29 7.35 9.44
N GLU A 100 14.91 7.72 8.33
CA GLU A 100 16.24 7.24 7.98
C GLU A 100 16.97 8.39 7.32
N TRP A 101 18.26 8.26 7.08
CA TRP A 101 19.01 9.34 6.44
C TRP A 101 18.94 9.28 4.93
N MSE A 102 18.93 10.45 4.31
CA MSE A 102 18.89 10.56 2.87
C MSE A 102 20.17 11.29 2.50
O MSE A 102 20.57 12.23 3.18
CB MSE A 102 17.67 11.39 2.43
CG MSE A 102 17.60 11.67 0.93
SE MSE A 102 16.70 10.31 -0.12
CE MSE A 102 14.91 10.48 0.55
N LEU A 103 20.81 10.85 1.43
CA LEU A 103 22.05 11.46 0.98
C LEU A 103 21.89 12.04 -0.41
N LEU A 104 21.94 13.37 -0.49
CA LEU A 104 21.82 14.08 -1.75
C LEU A 104 23.23 14.51 -2.18
N PRO A 105 23.82 13.81 -3.16
CA PRO A 105 25.17 14.17 -3.63
C PRO A 105 25.16 15.55 -4.28
N ILE A 106 26.35 16.15 -4.41
CA ILE A 106 26.50 17.46 -5.05
C ILE A 106 27.63 17.43 -6.06
N PHE A 107 27.39 17.94 -7.26
CA PHE A 107 28.45 17.99 -8.28
C PHE A 107 28.63 19.41 -8.80
N LYS A 108 29.57 19.59 -9.74
CA LYS A 108 29.84 20.92 -10.28
C LYS A 108 28.91 21.33 -11.43
N ARG A 136 19.68 18.98 9.16
CA ARG A 136 20.52 18.90 7.98
C ARG A 136 22.01 19.05 8.29
N TYR A 137 22.86 18.44 7.45
CA TYR A 137 24.31 18.49 7.63
C TYR A 137 25.00 18.76 6.29
N MSE A 138 25.87 19.77 6.29
CA MSE A 138 26.62 20.17 5.10
C MSE A 138 27.87 19.30 5.09
O MSE A 138 28.70 19.38 6.00
CB MSE A 138 27.04 21.64 5.20
CG MSE A 138 26.01 22.55 5.89
SE MSE A 138 26.78 24.18 6.68
CE MSE A 138 27.41 23.44 8.37
N LEU A 139 28.02 18.47 4.06
CA LEU A 139 29.17 17.57 3.97
C LEU A 139 30.07 17.89 2.78
N ASN A 140 31.39 17.78 2.97
CA ASN A 140 32.33 18.02 1.89
C ASN A 140 32.52 16.75 1.05
N GLU A 141 33.53 16.73 0.17
CA GLU A 141 33.75 15.55 -0.66
C GLU A 141 34.16 14.30 0.11
N LYS A 142 35.25 14.38 0.85
CA LYS A 142 35.72 13.23 1.63
C LYS A 142 34.63 12.69 2.55
N GLN A 143 33.93 13.58 3.25
CA GLN A 143 32.85 13.17 4.15
C GLN A 143 31.73 12.47 3.37
N THR A 144 31.32 13.09 2.27
CA THR A 144 30.30 12.51 1.42
C THR A 144 30.70 11.09 1.03
N LEU A 145 31.92 10.94 0.50
CA LEU A 145 32.43 9.64 0.10
C LEU A 145 32.46 8.69 1.28
N GLU A 146 32.61 9.23 2.48
CA GLU A 146 32.65 8.40 3.66
C GLU A 146 31.25 7.89 4.00
N LYS A 147 30.24 8.69 3.71
CA LYS A 147 28.85 8.28 3.96
C LYS A 147 28.52 7.14 2.98
N GLU A 148 28.70 7.37 1.68
CA GLU A 148 28.49 6.31 0.70
C GLU A 148 29.78 6.20 -0.10
N PRO A 149 30.62 5.24 0.26
CA PRO A 149 31.91 5.00 -0.42
C PRO A 149 31.76 4.36 -1.79
N LEU A 150 30.54 4.41 -2.33
CA LEU A 150 30.25 3.82 -3.63
C LEU A 150 29.98 4.90 -4.67
N LEU A 151 29.77 6.12 -4.18
CA LEU A 151 29.49 7.28 -5.03
C LEU A 151 30.56 7.59 -6.05
N ARG A 152 30.10 8.25 -7.11
CA ARG A 152 30.92 8.67 -8.22
C ARG A 152 31.89 9.73 -7.69
N LYS A 153 33.18 9.53 -7.95
CA LYS A 153 34.18 10.48 -7.50
C LYS A 153 34.26 11.72 -8.37
N GLU A 154 34.23 11.51 -9.68
CA GLU A 154 34.34 12.56 -10.68
C GLU A 154 33.40 13.74 -10.44
N ASN A 155 33.99 14.88 -10.09
CA ASN A 155 33.29 16.13 -9.83
C ASN A 155 32.49 16.21 -8.55
N LEU A 156 32.55 15.18 -7.71
CA LEU A 156 31.82 15.21 -6.45
C LEU A 156 32.33 16.37 -5.61
N LYS A 157 31.48 17.34 -5.38
CA LYS A 157 31.86 18.50 -4.59
C LYS A 157 31.44 18.29 -3.14
N GLY A 158 30.47 17.41 -2.94
CA GLY A 158 30.03 17.13 -1.59
C GLY A 158 28.58 16.69 -1.54
N GLY A 159 27.92 17.04 -0.45
CA GLY A 159 26.54 16.66 -0.35
C GLY A 159 25.95 17.12 0.96
N GLY A 160 24.65 16.86 1.10
CA GLY A 160 23.92 17.20 2.30
C GLY A 160 23.14 15.95 2.73
N ILE A 161 23.23 15.59 4.00
CA ILE A 161 22.53 14.42 4.47
C ILE A 161 21.45 14.87 5.45
N TYR A 162 20.23 14.40 5.24
CA TYR A 162 19.12 14.78 6.10
C TYR A 162 18.27 13.57 6.45
N VAL A 163 17.30 13.76 7.32
CA VAL A 163 16.44 12.67 7.74
C VAL A 163 15.10 12.68 7.02
N GLU A 164 14.71 11.53 6.50
CA GLU A 164 13.46 11.39 5.78
C GLU A 164 12.70 10.13 6.24
N TYR A 165 11.39 10.28 6.41
CA TYR A 165 10.54 9.19 6.86
C TYR A 165 10.17 8.24 5.72
N ARG A 166 10.51 6.96 5.89
CA ARG A 166 10.18 5.94 4.88
C ARG A 166 9.02 5.12 5.43
N THR A 167 7.99 4.98 4.63
CA THR A 167 6.80 4.25 5.04
C THR A 167 6.60 2.94 4.27
N ASP A 168 5.44 2.34 4.50
CA ASP A 168 5.01 1.11 3.85
C ASP A 168 3.63 1.48 3.34
N ASP A 169 3.59 2.09 2.16
CA ASP A 169 2.31 2.52 1.60
C ASP A 169 1.16 1.52 1.68
N ALA A 170 1.44 0.25 1.46
CA ALA A 170 0.38 -0.75 1.52
C ALA A 170 -0.11 -1.03 2.93
N ARG A 171 0.83 -1.18 3.88
CA ARG A 171 0.46 -1.46 5.26
C ARG A 171 -0.13 -0.22 5.92
N LEU A 172 0.30 0.96 5.47
CA LEU A 172 -0.22 2.21 6.01
C LEU A 172 -1.69 2.24 5.65
N THR A 173 -1.98 2.07 4.37
CA THR A 173 -3.33 2.04 3.83
C THR A 173 -4.17 1.06 4.65
N LEU A 174 -3.61 -0.12 4.86
CA LEU A 174 -4.32 -1.15 5.61
C LEU A 174 -4.62 -0.82 7.06
N GLU A 175 -3.63 -0.31 7.79
CA GLU A 175 -3.81 0.05 9.21
C GLU A 175 -4.87 1.11 9.44
N ILE A 176 -5.09 1.94 8.42
CA ILE A 176 -6.09 2.98 8.49
C ILE A 176 -7.42 2.25 8.32
N MSE A 177 -7.42 1.29 7.41
CA MSE A 177 -8.59 0.49 7.11
C MSE A 177 -9.03 -0.30 8.35
O MSE A 177 -10.19 -0.23 8.77
CB MSE A 177 -8.31 -0.49 5.96
CG MSE A 177 -9.54 -1.02 5.21
SE MSE A 177 -10.55 0.38 4.25
CE MSE A 177 -11.87 0.82 5.63
N LYS A 178 -8.10 -1.03 8.94
CA LYS A 178 -8.35 -1.84 10.12
C LYS A 178 -8.88 -1.00 11.28
N GLU A 179 -8.39 0.23 11.39
CA GLU A 179 -8.84 1.10 12.46
C GLU A 179 -10.26 1.58 12.15
N ALA A 180 -10.49 1.92 10.89
CA ALA A 180 -11.81 2.38 10.48
C ALA A 180 -12.84 1.29 10.81
N VAL A 181 -12.58 0.06 10.36
CA VAL A 181 -13.47 -1.06 10.59
C VAL A 181 -13.65 -1.29 12.10
N ALA A 182 -12.53 -1.28 12.83
CA ALA A 182 -12.56 -1.46 14.26
C ALA A 182 -13.49 -0.49 14.97
N ARG A 183 -13.72 0.67 14.37
CA ARG A 183 -14.60 1.66 14.98
C ARG A 183 -16.03 1.67 14.46
N GLY A 184 -16.41 0.68 13.64
CA GLY A 184 -17.77 0.68 13.17
C GLY A 184 -17.98 0.67 11.67
N ALA A 185 -16.92 0.96 10.92
CA ALA A 185 -16.98 1.00 9.46
C ALA A 185 -17.02 -0.40 8.85
N VAL A 186 -17.78 -0.58 7.78
CA VAL A 186 -17.85 -1.88 7.12
C VAL A 186 -17.06 -1.74 5.82
N ALA A 187 -16.19 -2.71 5.53
CA ALA A 187 -15.39 -2.65 4.32
C ALA A 187 -15.32 -3.97 3.57
N LEU A 188 -15.08 -3.90 2.26
CA LEU A 188 -14.99 -5.09 1.44
C LEU A 188 -14.08 -4.94 0.24
N ASN A 189 -13.13 -5.84 0.09
CA ASN A 189 -12.27 -5.79 -1.07
C ASN A 189 -12.93 -6.73 -2.07
N TYR A 190 -12.53 -6.61 -3.33
CA TYR A 190 -13.07 -7.42 -4.41
C TYR A 190 -14.56 -7.16 -4.69
N MSE A 191 -14.99 -5.93 -4.42
CA MSE A 191 -16.35 -5.44 -4.67
C MSE A 191 -16.20 -4.34 -5.69
O MSE A 191 -15.64 -3.29 -5.38
CB MSE A 191 -16.99 -4.87 -3.40
CG MSE A 191 -17.70 -5.92 -2.58
SE MSE A 191 -19.06 -6.80 -3.64
CE MSE A 191 -20.62 -5.97 -2.82
N LYS A 192 -16.67 -4.56 -6.91
CA LYS A 192 -16.52 -3.54 -7.95
C LYS A 192 -17.77 -2.76 -8.31
N VAL A 193 -17.70 -1.44 -8.15
CA VAL A 193 -18.81 -0.55 -8.49
C VAL A 193 -18.86 -0.49 -10.01
N GLU A 194 -19.91 -1.04 -10.60
CA GLU A 194 -20.03 -1.03 -12.06
C GLU A 194 -21.09 -0.08 -12.59
N SER A 195 -21.98 0.38 -11.72
CA SER A 195 -23.05 1.29 -12.13
C SER A 195 -23.63 2.06 -10.93
N PHE A 196 -24.14 3.26 -11.18
CA PHE A 196 -24.73 4.06 -10.11
C PHE A 196 -26.25 3.96 -10.04
N ILE A 197 -26.80 4.21 -8.85
CA ILE A 197 -28.23 4.16 -8.61
C ILE A 197 -28.72 5.59 -8.31
N TYR A 198 -29.66 6.07 -9.12
CA TYR A 198 -30.18 7.42 -8.95
C TYR A 198 -31.62 7.51 -8.41
N ASP A 199 -31.93 8.66 -7.83
CA ASP A 199 -33.26 8.91 -7.29
C ASP A 199 -33.48 10.41 -7.30
N GLN A 200 -34.46 10.84 -8.08
CA GLN A 200 -34.76 12.26 -8.18
C GLN A 200 -33.50 13.05 -8.57
N GLY A 201 -32.77 12.53 -9.56
CA GLY A 201 -31.55 13.16 -10.05
C GLY A 201 -30.31 12.94 -9.20
N LYS A 202 -30.52 12.41 -7.99
CA LYS A 202 -29.43 12.20 -7.05
C LYS A 202 -28.92 10.76 -6.89
N VAL A 203 -27.60 10.62 -6.72
CA VAL A 203 -26.95 9.33 -6.52
C VAL A 203 -27.26 8.91 -5.08
N VAL A 204 -27.76 7.69 -4.92
CA VAL A 204 -28.12 7.17 -3.60
C VAL A 204 -27.54 5.79 -3.34
N GLY A 205 -26.83 5.25 -4.31
CA GLY A 205 -26.24 3.94 -4.15
C GLY A 205 -25.46 3.47 -5.35
N VAL A 206 -24.77 2.35 -5.20
CA VAL A 206 -23.96 1.81 -6.28
C VAL A 206 -24.37 0.37 -6.56
N VAL A 207 -23.78 -0.20 -7.61
CA VAL A 207 -24.02 -1.59 -7.96
C VAL A 207 -22.60 -2.20 -7.91
N ALA A 208 -22.41 -3.16 -7.02
CA ALA A 208 -21.09 -3.77 -6.87
C ALA A 208 -21.06 -5.24 -7.21
N LYS A 209 -20.09 -5.65 -8.00
CA LYS A 209 -19.96 -7.05 -8.37
C LYS A 209 -18.86 -7.70 -7.56
N ASP A 210 -19.24 -8.75 -6.83
CA ASP A 210 -18.28 -9.49 -6.01
C ASP A 210 -17.33 -10.25 -6.92
N ARG A 211 -16.15 -9.68 -7.12
CA ARG A 211 -15.14 -10.27 -7.99
C ARG A 211 -14.69 -11.67 -7.60
N LEU A 212 -14.99 -12.10 -6.38
CA LEU A 212 -14.59 -13.43 -5.96
C LEU A 212 -15.65 -14.51 -6.20
N THR A 213 -16.94 -14.14 -6.16
CA THR A 213 -18.03 -15.09 -6.38
C THR A 213 -18.80 -14.78 -7.65
N ASP A 214 -18.56 -13.59 -8.19
CA ASP A 214 -19.20 -13.11 -9.42
C ASP A 214 -20.61 -12.57 -9.25
N THR A 215 -21.14 -12.58 -8.03
CA THR A 215 -22.49 -12.06 -7.80
C THR A 215 -22.52 -10.54 -7.73
N THR A 216 -23.71 -9.98 -7.89
CA THR A 216 -23.93 -8.53 -7.85
C THR A 216 -24.78 -8.19 -6.63
N HIS A 217 -24.64 -6.97 -6.13
CA HIS A 217 -25.43 -6.54 -5.00
C HIS A 217 -25.70 -5.04 -5.13
N THR A 218 -26.58 -4.53 -4.26
CA THR A 218 -26.89 -3.12 -4.28
C THR A 218 -26.64 -2.56 -2.88
N ILE A 219 -26.04 -1.38 -2.84
CA ILE A 219 -25.74 -0.71 -1.59
C ILE A 219 -26.27 0.70 -1.67
N TYR A 220 -26.94 1.15 -0.61
CA TYR A 220 -27.50 2.50 -0.57
C TYR A 220 -26.75 3.29 0.50
N ALA A 221 -26.57 4.58 0.25
CA ALA A 221 -25.86 5.44 1.18
C ALA A 221 -26.31 6.88 0.99
N LYS A 222 -26.34 7.65 2.08
CA LYS A 222 -26.75 9.05 1.99
C LYS A 222 -25.81 9.85 1.12
N LYS A 223 -24.50 9.63 1.30
CA LYS A 223 -23.48 10.32 0.52
C LYS A 223 -22.55 9.32 -0.14
N VAL A 224 -22.17 9.57 -1.39
CA VAL A 224 -21.28 8.68 -2.11
C VAL A 224 -20.00 9.34 -2.62
N VAL A 225 -18.89 8.98 -1.98
CA VAL A 225 -17.58 9.51 -2.34
C VAL A 225 -16.82 8.60 -3.32
N ASN A 226 -16.14 9.19 -4.29
CA ASN A 226 -15.36 8.42 -5.24
C ASN A 226 -13.88 8.68 -5.08
N ALA A 227 -13.21 7.83 -4.31
CA ALA A 227 -11.78 7.92 -4.09
C ALA A 227 -11.12 6.76 -4.84
N ALA A 228 -11.39 6.71 -6.14
CA ALA A 228 -10.90 5.66 -7.03
C ALA A 228 -9.51 5.88 -7.66
N GLY A 229 -8.73 6.82 -7.12
CA GLY A 229 -7.41 7.06 -7.65
C GLY A 229 -7.35 7.35 -9.14
N PRO A 230 -6.43 6.70 -9.88
CA PRO A 230 -6.33 6.94 -11.32
C PRO A 230 -7.52 6.44 -12.13
N TRP A 231 -8.53 5.90 -11.45
CA TRP A 231 -9.75 5.40 -12.09
C TRP A 231 -10.89 6.39 -11.90
N VAL A 232 -10.64 7.45 -11.13
CA VAL A 232 -11.67 8.45 -10.84
C VAL A 232 -12.60 8.79 -12.00
N ASP A 233 -12.02 9.04 -13.17
CA ASP A 233 -12.83 9.39 -14.32
C ASP A 233 -13.73 8.28 -14.84
N THR A 234 -13.41 7.03 -14.56
CA THR A 234 -14.26 5.95 -15.02
C THR A 234 -15.60 6.01 -14.28
N LEU A 235 -15.52 6.25 -12.97
CA LEU A 235 -16.72 6.35 -12.14
C LEU A 235 -17.43 7.64 -12.49
N ARG A 236 -16.67 8.60 -12.99
CA ARG A 236 -17.27 9.87 -13.38
C ARG A 236 -18.07 9.69 -14.68
N GLU A 237 -17.65 8.72 -15.48
CA GLU A 237 -18.32 8.40 -16.73
C GLU A 237 -19.61 7.63 -16.41
N LYS A 238 -19.56 6.78 -15.40
CA LYS A 238 -20.72 6.02 -14.97
C LYS A 238 -21.72 6.95 -14.29
N ASP A 239 -21.31 8.20 -14.07
CA ASP A 239 -22.17 9.20 -13.46
C ASP A 239 -22.39 10.27 -14.50
N ARG A 240 -21.75 10.10 -15.65
CA ARG A 240 -21.86 11.04 -16.76
C ARG A 240 -21.63 12.46 -16.23
N SER A 241 -20.45 12.69 -15.69
CA SER A 241 -20.09 13.98 -15.12
C SER A 241 -18.61 14.24 -15.37
N LYS A 242 -18.03 13.43 -16.24
CA LYS A 242 -16.62 13.59 -16.60
C LYS A 242 -16.57 14.77 -17.58
N HIS A 243 -16.60 15.98 -17.02
CA HIS A 243 -16.58 17.19 -17.81
C HIS A 243 -15.66 18.26 -17.23
N GLY A 244 -15.09 19.08 -18.11
CA GLY A 244 -14.18 20.14 -17.67
C GLY A 244 -12.80 19.60 -17.38
N LYS A 245 -12.44 19.58 -16.10
CA LYS A 245 -11.16 19.04 -15.65
C LYS A 245 -11.26 17.52 -15.63
N TYR A 246 -10.45 16.87 -16.46
CA TYR A 246 -10.42 15.42 -16.53
C TYR A 246 -9.02 14.96 -16.13
N LEU A 247 -8.78 13.65 -16.12
CA LEU A 247 -7.47 13.15 -15.73
C LEU A 247 -6.61 12.54 -16.84
N LYS A 248 -5.30 12.73 -16.71
CA LYS A 248 -4.31 12.20 -17.64
C LYS A 248 -3.36 11.39 -16.76
N LEU A 249 -3.10 10.15 -17.12
CA LEU A 249 -2.23 9.26 -16.32
C LEU A 249 -0.74 9.22 -16.71
N SER A 250 0.12 9.01 -15.71
CA SER A 250 1.58 8.94 -15.93
C SER A 250 2.18 7.78 -15.16
N LYS A 251 2.93 6.94 -15.85
CA LYS A 251 3.55 5.76 -15.25
C LYS A 251 4.98 5.95 -14.75
N GLY A 252 5.29 5.26 -13.65
CA GLY A 252 6.62 5.30 -13.04
C GLY A 252 6.92 3.89 -12.53
N VAL A 253 8.17 3.44 -12.67
CA VAL A 253 8.54 2.10 -12.24
C VAL A 253 9.71 2.04 -11.26
N HIS A 254 9.73 1.01 -10.40
CA HIS A 254 10.81 0.80 -9.43
C HIS A 254 11.41 -0.61 -9.63
N LEU A 255 12.74 -0.69 -9.71
CA LEU A 255 13.40 -2.00 -9.84
C LEU A 255 13.89 -2.36 -8.43
N VAL A 256 14.23 -3.63 -8.22
CA VAL A 256 14.71 -4.04 -6.91
C VAL A 256 15.88 -4.99 -7.05
N VAL A 257 17.04 -4.56 -6.59
CA VAL A 257 18.25 -5.38 -6.66
C VAL A 257 18.66 -5.78 -5.25
N ASP A 258 19.36 -6.90 -5.14
CA ASP A 258 19.79 -7.39 -3.84
C ASP A 258 20.88 -6.47 -3.32
N GLN A 259 20.87 -6.25 -2.01
CA GLN A 259 21.83 -5.38 -1.32
C GLN A 259 23.30 -5.77 -1.59
N SER A 260 23.58 -7.06 -1.66
CA SER A 260 24.93 -7.56 -1.91
C SER A 260 25.45 -7.05 -3.24
N ARG A 261 24.52 -6.72 -4.12
CA ARG A 261 24.87 -6.24 -5.44
C ARG A 261 24.75 -4.72 -5.60
N PHE A 262 24.31 -4.05 -4.53
CA PHE A 262 24.17 -2.59 -4.49
C PHE A 262 24.19 -2.31 -2.99
N PRO A 263 25.36 -2.41 -2.36
CA PRO A 263 25.51 -2.20 -0.91
C PRO A 263 25.36 -0.76 -0.37
N LEU A 264 24.15 -0.20 -0.45
CA LEU A 264 23.94 1.15 0.06
C LEU A 264 23.94 1.19 1.59
N ARG A 265 24.64 2.18 2.14
CA ARG A 265 24.71 2.39 3.59
C ARG A 265 23.39 3.08 4.00
N GLN A 266 23.02 4.13 3.27
CA GLN A 266 21.75 4.81 3.52
C GLN A 266 21.18 5.22 2.17
N ALA A 267 19.92 5.64 2.14
CA ALA A 267 19.29 6.05 0.90
C ALA A 267 19.98 7.26 0.29
N VAL A 268 19.95 7.36 -1.04
CA VAL A 268 20.57 8.51 -1.73
C VAL A 268 19.61 9.10 -2.77
N TYR A 269 19.59 10.43 -2.87
CA TYR A 269 18.76 11.11 -3.86
C TYR A 269 19.72 11.81 -4.84
N PHE A 270 19.88 11.22 -6.02
CA PHE A 270 20.80 11.74 -7.02
C PHE A 270 20.22 12.18 -8.35
N ASP A 271 21.03 12.95 -9.09
CA ASP A 271 20.65 13.47 -10.40
C ASP A 271 20.80 12.38 -11.46
N THR A 272 20.72 12.77 -12.73
CA THR A 272 20.87 11.85 -13.85
C THR A 272 21.90 12.46 -14.78
N GLU A 273 22.50 11.65 -15.63
CA GLU A 273 23.51 12.12 -16.57
C GLU A 273 22.95 13.21 -17.50
N SER A 274 22.25 12.79 -18.54
CA SER A 274 21.66 13.75 -19.49
C SER A 274 20.26 14.13 -18.99
N ASP A 275 19.32 13.23 -19.22
CA ASP A 275 17.94 13.35 -18.81
C ASP A 275 17.41 14.68 -18.24
N GLY A 276 17.71 14.96 -16.97
CA GLY A 276 17.22 16.18 -16.37
C GLY A 276 16.43 15.93 -15.10
N ARG A 277 16.07 14.66 -14.86
CA ARG A 277 15.31 14.26 -13.67
C ARG A 277 16.22 13.76 -12.54
N MSE A 278 15.61 13.37 -11.41
CA MSE A 278 16.32 12.88 -10.25
C MSE A 278 15.95 11.42 -9.98
O MSE A 278 14.97 10.93 -10.55
CB MSE A 278 15.98 13.72 -9.01
CG MSE A 278 16.42 15.19 -9.14
SE MSE A 278 17.81 15.71 -7.86
CE MSE A 278 16.85 17.05 -6.85
N ILE A 279 16.70 10.74 -9.13
CA ILE A 279 16.42 9.33 -8.84
C ILE A 279 16.64 8.93 -7.37
N PHE A 280 15.76 8.09 -6.84
CA PHE A 280 15.80 7.63 -5.45
C PHE A 280 16.29 6.20 -5.24
N ALA A 281 17.49 6.03 -4.71
CA ALA A 281 17.99 4.68 -4.43
C ALA A 281 17.74 4.46 -2.92
N ILE A 282 16.78 3.58 -2.60
CA ILE A 282 16.36 3.29 -1.22
C ILE A 282 16.70 1.87 -0.68
N PRO A 283 17.35 1.80 0.49
CA PRO A 283 17.69 0.48 1.04
C PRO A 283 16.55 0.00 1.92
N ARG A 284 16.23 -1.28 1.81
CA ARG A 284 15.16 -1.87 2.61
C ARG A 284 15.21 -3.40 2.66
N GLU A 285 14.99 -3.97 3.85
CA GLU A 285 14.98 -5.41 4.02
C GLU A 285 16.02 -6.19 3.22
N GLY A 286 17.28 -5.74 3.25
CA GLY A 286 18.35 -6.42 2.54
C GLY A 286 18.32 -6.19 1.03
N LYS A 287 17.60 -5.17 0.62
CA LYS A 287 17.48 -4.86 -0.79
C LYS A 287 17.57 -3.35 -1.02
N THR A 288 17.73 -2.98 -2.29
CA THR A 288 17.81 -1.59 -2.67
C THR A 288 16.91 -1.38 -3.87
N TYR A 289 15.73 -0.79 -3.68
CA TYR A 289 14.87 -0.54 -4.83
C TYR A 289 15.28 0.84 -5.36
N ILE A 290 15.55 0.90 -6.65
CA ILE A 290 16.01 2.12 -7.28
C ILE A 290 14.93 2.99 -7.94
N GLY A 291 15.15 4.31 -7.80
CA GLY A 291 14.30 5.38 -8.31
C GLY A 291 13.20 5.12 -9.30
N THR A 292 12.59 6.21 -9.79
CA THR A 292 11.45 6.14 -10.72
C THR A 292 11.55 6.76 -12.14
N THR A 293 10.74 6.22 -13.05
CA THR A 293 10.66 6.68 -14.44
C THR A 293 9.39 7.52 -14.60
N ASP A 294 9.23 8.18 -15.75
CA ASP A 294 8.02 8.99 -16.00
C ASP A 294 7.58 8.95 -17.47
N THR A 295 6.56 8.17 -17.75
CA THR A 295 6.06 8.06 -19.10
C THR A 295 4.55 8.24 -19.18
N PHE A 296 4.06 8.76 -20.31
CA PHE A 296 2.62 8.95 -20.47
C PHE A 296 1.98 7.55 -20.43
N TYR A 297 0.71 7.49 -20.03
CA TYR A 297 0.00 6.23 -19.92
C TYR A 297 -1.51 6.36 -20.18
N ASP A 298 -2.01 5.59 -21.14
CA ASP A 298 -3.43 5.61 -21.48
C ASP A 298 -3.90 4.23 -21.90
N LYS A 299 -3.35 3.20 -21.24
CA LYS A 299 -3.72 1.81 -21.50
C LYS A 299 -4.68 1.33 -20.41
N ASP A 300 -4.48 0.11 -19.90
CA ASP A 300 -5.35 -0.39 -18.85
C ASP A 300 -4.86 0.10 -17.50
N ILE A 301 -5.70 0.85 -16.80
CA ILE A 301 -5.36 1.43 -15.49
C ILE A 301 -5.00 0.40 -14.39
N ALA A 302 -5.47 -0.84 -14.54
CA ALA A 302 -5.20 -1.87 -13.55
C ALA A 302 -4.04 -2.81 -13.87
N SER A 303 -3.39 -2.63 -15.02
CA SER A 303 -2.29 -3.53 -15.36
C SER A 303 -1.00 -2.90 -15.90
N PRO A 304 -0.51 -1.82 -15.28
CA PRO A 304 0.73 -1.25 -15.80
C PRO A 304 1.93 -2.00 -15.22
N ARG A 305 2.98 -2.15 -16.03
CA ARG A 305 4.17 -2.84 -15.53
C ARG A 305 5.47 -2.40 -16.18
N MSE A 306 6.57 -2.90 -15.64
CA MSE A 306 7.91 -2.57 -16.14
C MSE A 306 8.21 -3.08 -17.53
O MSE A 306 8.01 -4.25 -17.82
CB MSE A 306 8.96 -3.11 -15.20
CG MSE A 306 10.37 -3.00 -15.75
SE MSE A 306 11.51 -4.42 -15.10
CE MSE A 306 10.51 -5.94 -15.76
N THR A 307 8.71 -2.18 -18.38
CA THR A 307 9.06 -2.53 -19.75
C THR A 307 10.58 -2.57 -19.85
N VAL A 308 11.11 -2.91 -21.02
CA VAL A 308 12.55 -2.95 -21.18
C VAL A 308 13.12 -1.53 -21.11
N GLU A 309 12.35 -0.55 -21.56
CA GLU A 309 12.85 0.80 -21.49
C GLU A 309 12.98 1.21 -20.04
N ASP A 310 11.92 0.94 -19.26
CA ASP A 310 11.90 1.30 -17.85
C ASP A 310 13.12 0.76 -17.16
N ARG A 311 13.33 -0.55 -17.28
CA ARG A 311 14.46 -1.25 -16.68
C ARG A 311 15.81 -0.70 -17.14
N ASP A 312 15.97 -0.56 -18.46
CA ASP A 312 17.23 -0.05 -19.00
C ASP A 312 17.50 1.39 -18.59
N TYR A 313 16.46 2.12 -18.21
CA TYR A 313 16.58 3.51 -17.80
C TYR A 313 17.01 3.61 -16.34
N ILE A 314 16.40 2.79 -15.47
CA ILE A 314 16.77 2.80 -14.06
C ILE A 314 18.20 2.26 -13.89
N LEU A 315 18.51 1.12 -14.48
CA LEU A 315 19.86 0.57 -14.35
C LEU A 315 20.93 1.51 -14.91
N ALA A 316 20.63 2.16 -16.04
CA ALA A 316 21.59 3.07 -16.65
C ALA A 316 22.03 4.14 -15.65
N ALA A 317 21.09 4.95 -15.20
CA ALA A 317 21.38 6.02 -14.25
C ALA A 317 22.07 5.48 -13.00
N ALA A 318 21.52 4.40 -12.46
CA ALA A 318 22.10 3.79 -11.29
C ALA A 318 23.60 3.51 -11.48
N ASN A 319 23.98 3.09 -12.69
CA ASN A 319 25.37 2.82 -12.97
C ASN A 319 26.14 4.12 -13.18
N TYR A 320 25.45 5.16 -13.64
CA TYR A 320 26.09 6.44 -13.83
C TYR A 320 26.55 6.95 -12.45
N MSE A 321 25.65 6.87 -11.47
CA MSE A 321 25.95 7.32 -10.11
C MSE A 321 26.89 6.38 -9.35
O MSE A 321 27.76 6.82 -8.59
CB MSE A 321 24.63 7.48 -9.34
CG MSE A 321 24.72 8.30 -8.06
SE MSE A 321 25.40 10.13 -8.26
CE MSE A 321 27.08 9.91 -7.28
N PHE A 322 26.76 5.07 -9.57
CA PHE A 322 27.61 4.09 -8.92
C PHE A 322 28.31 3.27 -10.00
N PRO A 323 29.41 3.83 -10.56
CA PRO A 323 30.21 3.19 -11.61
C PRO A 323 30.86 1.87 -11.20
N SER A 324 31.04 1.67 -9.90
CA SER A 324 31.67 0.45 -9.39
C SER A 324 30.81 -0.77 -9.69
N LEU A 325 29.50 -0.61 -9.57
CA LEU A 325 28.60 -1.72 -9.86
C LEU A 325 28.48 -1.90 -11.37
N ARG A 326 28.29 -3.14 -11.81
CA ARG A 326 28.11 -3.44 -13.23
C ARG A 326 26.71 -3.97 -13.37
N LEU A 327 25.77 -3.18 -12.86
CA LEU A 327 24.35 -3.51 -12.87
C LEU A 327 23.78 -3.89 -14.24
N THR A 328 23.45 -5.17 -14.39
CA THR A 328 22.89 -5.65 -15.64
C THR A 328 21.44 -6.09 -15.39
N ALA A 329 20.76 -6.55 -16.43
CA ALA A 329 19.37 -6.99 -16.30
C ALA A 329 19.17 -8.20 -15.39
N ASP A 330 20.27 -8.86 -15.06
CA ASP A 330 20.18 -10.06 -14.21
C ASP A 330 20.28 -9.76 -12.72
N ASP A 331 20.53 -8.50 -12.37
CA ASP A 331 20.63 -8.10 -10.98
C ASP A 331 19.27 -7.77 -10.39
N VAL A 332 18.36 -7.30 -11.23
CA VAL A 332 17.02 -6.95 -10.81
C VAL A 332 16.28 -8.24 -10.44
N GLU A 333 15.78 -8.32 -9.22
CA GLU A 333 15.06 -9.53 -8.84
C GLU A 333 13.56 -9.32 -8.67
N SER A 334 13.12 -8.07 -8.85
CA SER A 334 11.71 -7.75 -8.73
C SER A 334 11.49 -6.33 -9.23
N SER A 335 10.24 -5.90 -9.33
CA SER A 335 9.95 -4.56 -9.79
C SER A 335 8.46 -4.28 -9.80
N TRP A 336 8.12 -3.00 -9.85
CA TRP A 336 6.71 -2.64 -9.88
C TRP A 336 6.41 -1.33 -10.62
N ALA A 337 5.18 -1.24 -11.09
CA ALA A 337 4.72 -0.08 -11.84
C ALA A 337 3.56 0.54 -11.08
N GLY A 338 3.41 1.86 -11.25
CA GLY A 338 2.32 2.56 -10.59
C GLY A 338 1.79 3.65 -11.49
N LEU A 339 0.55 4.07 -11.26
CA LEU A 339 -0.09 5.09 -12.07
C LEU A 339 -0.36 6.39 -11.29
N ARG A 340 0.21 7.49 -11.76
CA ARG A 340 0.06 8.79 -11.12
C ARG A 340 -0.83 9.71 -11.97
N PRO A 341 -1.99 10.12 -11.41
CA PRO A 341 -2.92 10.99 -12.15
C PRO A 341 -2.60 12.46 -12.07
N LEU A 342 -2.86 13.16 -13.18
CA LEU A 342 -2.63 14.59 -13.29
C LEU A 342 -3.83 15.28 -13.95
N ILE A 343 -4.30 16.37 -13.34
CA ILE A 343 -5.44 17.14 -13.84
C ILE A 343 -5.15 17.93 -15.12
N HIS A 344 -6.00 17.78 -16.13
CA HIS A 344 -5.84 18.47 -17.40
C HIS A 344 -7.02 19.39 -17.68
N GLU A 345 -6.72 20.68 -17.90
CA GLU A 345 -7.72 21.71 -18.17
C GLU A 345 -8.81 21.80 -17.11
N ASP A 357 -4.66 18.93 -6.44
CA ASP A 357 -5.33 18.12 -5.42
C ASP A 357 -6.78 18.56 -5.22
N GLU A 358 -7.48 18.83 -6.32
CA GLU A 358 -8.87 19.27 -6.25
C GLU A 358 -9.85 18.18 -5.82
N ILE A 359 -11.11 18.57 -5.71
CA ILE A 359 -12.20 17.67 -5.35
C ILE A 359 -13.34 17.98 -6.33
N PHE A 360 -13.96 16.96 -6.91
CA PHE A 360 -15.04 17.19 -7.87
C PHE A 360 -16.46 16.95 -7.35
N PHE A 361 -17.39 17.82 -7.75
CA PHE A 361 -18.79 17.71 -7.35
C PHE A 361 -19.63 17.60 -8.62
N SER A 362 -20.56 16.67 -8.66
CA SER A 362 -21.41 16.50 -9.85
C SER A 362 -22.79 17.04 -9.59
N ASP A 363 -23.64 17.00 -10.61
CA ASP A 363 -25.01 17.47 -10.48
C ASP A 363 -25.81 16.40 -9.76
N SER A 364 -25.21 15.22 -9.60
CA SER A 364 -25.87 14.13 -8.90
C SER A 364 -25.39 14.14 -7.47
N GLY A 365 -24.32 14.90 -7.24
CA GLY A 365 -23.78 15.00 -5.90
C GLY A 365 -22.62 14.09 -5.59
N LEU A 366 -22.08 13.43 -6.61
CA LEU A 366 -20.95 12.54 -6.41
C LEU A 366 -19.73 13.39 -6.08
N ILE A 367 -18.95 12.96 -5.09
CA ILE A 367 -17.74 13.66 -4.71
C ILE A 367 -16.56 12.80 -5.17
N SER A 368 -15.72 13.36 -6.04
CA SER A 368 -14.54 12.66 -6.52
C SER A 368 -13.29 13.30 -5.93
N ILE A 369 -12.30 12.49 -5.61
CA ILE A 369 -11.06 13.01 -5.06
C ILE A 369 -9.91 12.78 -6.05
N ALA A 370 -9.67 13.78 -6.88
CA ALA A 370 -8.61 13.72 -7.89
C ALA A 370 -7.25 13.86 -7.21
N GLY A 371 -7.27 14.50 -6.05
CA GLY A 371 -6.04 14.70 -5.30
C GLY A 371 -5.24 13.44 -5.11
N GLY A 372 -5.68 12.59 -4.18
CA GLY A 372 -4.96 11.36 -3.92
C GLY A 372 -3.56 11.69 -3.42
N LYS A 373 -3.45 11.94 -2.12
CA LYS A 373 -2.16 12.26 -1.51
C LYS A 373 -1.76 11.11 -0.59
N LEU A 374 -0.46 10.88 -0.46
CA LEU A 374 0.03 9.84 0.43
C LEU A 374 0.46 10.60 1.66
N THR A 375 1.44 11.49 1.46
CA THR A 375 1.97 12.30 2.53
C THR A 375 0.90 13.20 3.11
N GLY A 376 0.01 13.70 2.25
CA GLY A 376 -1.06 14.55 2.70
C GLY A 376 -2.43 13.90 2.69
N TYR A 377 -2.50 12.60 2.98
CA TYR A 377 -3.77 11.90 2.97
C TYR A 377 -4.72 12.37 4.08
N ARG A 378 -4.20 12.57 5.28
CA ARG A 378 -5.03 12.98 6.42
C ARG A 378 -5.84 14.27 6.28
N LYS A 379 -5.19 15.37 5.94
CA LYS A 379 -5.89 16.65 5.78
C LYS A 379 -6.78 16.51 4.57
N MSE A 380 -6.30 15.76 3.58
CA MSE A 380 -7.05 15.51 2.36
C MSE A 380 -8.39 14.84 2.69
O MSE A 380 -9.42 15.15 2.10
CB MSE A 380 -6.24 14.60 1.45
CG MSE A 380 -6.97 14.20 0.19
SE MSE A 380 -5.87 14.59 -1.32
CE MSE A 380 -6.75 16.21 -1.88
N ALA A 381 -8.33 13.92 3.66
CA ALA A 381 -9.50 13.19 4.11
C ALA A 381 -10.41 14.12 4.89
N GLU A 382 -9.83 14.85 5.84
CA GLU A 382 -10.58 15.79 6.65
C GLU A 382 -11.34 16.77 5.77
N ARG A 383 -10.69 17.20 4.69
CA ARG A 383 -11.31 18.15 3.76
C ARG A 383 -12.52 17.51 3.08
N THR A 384 -12.33 16.26 2.63
CA THR A 384 -13.37 15.51 1.93
C THR A 384 -14.53 15.24 2.86
N VAL A 385 -14.22 14.85 4.10
CA VAL A 385 -15.25 14.57 5.09
C VAL A 385 -15.92 15.88 5.52
N ASP A 386 -15.24 17.00 5.32
CA ASP A 386 -15.81 18.30 5.65
C ASP A 386 -17.02 18.50 4.72
N ALA A 387 -16.82 18.18 3.45
CA ALA A 387 -17.87 18.30 2.45
C ALA A 387 -19.02 17.35 2.76
N VAL A 388 -18.68 16.10 3.05
CA VAL A 388 -19.70 15.10 3.39
C VAL A 388 -20.46 15.59 4.61
N ALA A 389 -19.75 15.87 5.70
CA ALA A 389 -20.37 16.35 6.93
C ALA A 389 -21.22 17.60 6.66
N GLN A 390 -20.75 18.44 5.74
CA GLN A 390 -21.47 19.65 5.37
C GLN A 390 -22.85 19.18 4.90
N GLY A 391 -22.85 18.39 3.83
CA GLY A 391 -24.08 17.87 3.26
C GLY A 391 -25.00 17.18 4.24
N LEU A 392 -24.52 16.13 4.90
CA LEU A 392 -25.35 15.41 5.87
C LEU A 392 -25.56 16.21 7.15
N ASN A 393 -24.94 17.38 7.22
CA ASN A 393 -25.05 18.25 8.39
C ASN A 393 -24.65 17.56 9.69
N VAL A 394 -23.36 17.63 10.02
CA VAL A 394 -22.86 17.03 11.25
C VAL A 394 -22.04 18.06 12.00
N ASN A 395 -22.35 18.24 13.29
CA ASN A 395 -21.64 19.19 14.11
C ASN A 395 -20.62 18.42 14.93
N GLU A 396 -19.70 17.75 14.23
CA GLU A 396 -18.66 16.94 14.85
C GLU A 396 -17.31 17.30 14.25
N PRO A 397 -16.37 17.77 15.09
CA PRO A 397 -15.03 18.15 14.62
C PRO A 397 -14.07 17.00 14.24
N CYS A 398 -13.16 17.30 13.32
CA CYS A 398 -12.17 16.33 12.86
C CYS A 398 -11.06 16.21 13.92
N THR A 399 -10.91 15.01 14.47
CA THR A 399 -9.91 14.78 15.50
C THR A 399 -9.09 13.52 15.17
N THR A 400 -8.89 13.29 13.87
CA THR A 400 -8.17 12.11 13.39
C THR A 400 -6.64 12.13 13.58
N ALA A 401 -6.07 13.30 13.80
CA ALA A 401 -4.64 13.40 14.00
C ALA A 401 -4.27 12.85 15.37
N ALA A 402 -5.29 12.50 16.14
CA ALA A 402 -5.14 11.98 17.51
C ALA A 402 -5.35 10.47 17.55
N ILE A 403 -6.06 9.97 16.54
CA ILE A 403 -6.36 8.55 16.43
C ILE A 403 -5.15 7.70 16.01
N ARG A 404 -4.75 6.78 16.89
CA ARG A 404 -3.64 5.88 16.57
C ARG A 404 -4.18 4.92 15.52
N LEU A 405 -3.33 4.55 14.58
CA LEU A 405 -3.75 3.63 13.53
C LEU A 405 -3.66 2.18 14.00
N SER A 406 -4.16 1.25 13.20
CA SER A 406 -4.13 -0.14 13.57
C SER A 406 -2.72 -0.60 13.91
N GLY A 407 -2.55 -1.11 15.14
CA GLY A 407 -1.24 -1.56 15.57
C GLY A 407 -0.40 -0.48 16.22
N GLY A 408 -0.85 0.77 16.13
CA GLY A 408 -0.10 1.87 16.71
C GLY A 408 -0.01 1.84 18.21
N LEU A 409 1.14 2.18 18.77
CA LEU A 409 1.31 2.18 20.21
C LEU A 409 0.70 3.44 20.83
N ALA A 410 0.23 3.30 22.07
CA ALA A 410 -0.34 4.42 22.79
C ALA A 410 0.75 5.45 23.08
N GLU A 411 1.94 4.95 23.43
CA GLU A 411 3.08 5.80 23.74
C GLU A 411 3.62 6.51 22.51
N GLY A 412 3.12 6.16 21.34
CA GLY A 412 3.60 6.80 20.12
C GLY A 412 4.99 6.29 19.79
N ALA A 413 5.66 6.90 18.81
CA ALA A 413 6.99 6.46 18.40
C ALA A 413 7.88 6.08 19.58
N GLN A 414 8.28 7.08 20.38
CA GLN A 414 9.14 6.79 21.52
C GLN A 414 8.39 5.90 22.49
N GLY A 415 8.75 4.63 22.49
CA GLY A 415 8.10 3.65 23.34
C GLY A 415 8.11 2.37 22.54
N PHE A 416 8.58 2.51 21.30
CA PHE A 416 8.68 1.41 20.36
C PHE A 416 9.87 0.51 20.65
N PRO A 417 10.99 1.08 21.14
CA PRO A 417 12.12 0.19 21.42
C PRO A 417 11.74 -0.82 22.50
N ARG A 418 11.23 -0.27 23.61
CA ARG A 418 10.81 -1.04 24.76
C ARG A 418 9.77 -2.06 24.29
N PHE A 419 8.94 -1.62 23.34
CA PHE A 419 7.88 -2.45 22.78
C PHE A 419 8.43 -3.69 22.09
N LEU A 420 9.46 -3.51 21.27
CA LEU A 420 10.06 -4.65 20.57
C LEU A 420 10.80 -5.54 21.57
N ASP A 421 11.50 -4.93 22.53
CA ASP A 421 12.24 -5.67 23.55
C ASP A 421 11.26 -6.52 24.33
N GLU A 422 10.07 -5.98 24.57
CA GLU A 422 9.04 -6.68 25.30
C GLU A 422 8.39 -7.79 24.49
N ALA A 423 7.87 -7.43 23.31
CA ALA A 423 7.21 -8.40 22.43
C ALA A 423 8.19 -9.49 22.02
N SER A 424 9.46 -9.15 22.02
CA SER A 424 10.47 -10.13 21.65
C SER A 424 10.55 -11.22 22.72
N ARG A 425 10.46 -10.80 23.97
CA ARG A 425 10.53 -11.71 25.10
C ARG A 425 9.24 -12.50 25.31
N LYS A 426 8.10 -11.88 24.99
CA LYS A 426 6.83 -12.55 25.13
C LYS A 426 6.65 -13.62 24.08
N GLY A 427 7.18 -13.36 22.89
CA GLY A 427 7.09 -14.32 21.81
C GLY A 427 8.00 -15.47 22.10
N ALA A 428 9.14 -15.16 22.73
CA ALA A 428 10.10 -16.19 23.07
C ALA A 428 9.51 -17.17 24.09
N LYS A 429 8.78 -16.66 25.07
CA LYS A 429 8.19 -17.52 26.08
C LYS A 429 7.22 -18.51 25.45
N LEU A 430 6.80 -18.22 24.22
CA LEU A 430 5.88 -19.10 23.51
C LEU A 430 6.67 -20.12 22.70
N GLY A 431 7.98 -20.14 22.92
CA GLY A 431 8.85 -21.05 22.22
C GLY A 431 9.20 -20.59 20.81
N PHE A 432 9.28 -19.28 20.60
CA PHE A 432 9.62 -18.76 19.28
C PHE A 432 10.96 -18.04 19.33
N ASP A 433 11.57 -17.85 18.17
CA ASP A 433 12.83 -17.16 18.09
C ASP A 433 12.67 -15.66 18.37
N ALA A 434 13.35 -15.19 19.42
CA ALA A 434 13.27 -13.80 19.82
C ALA A 434 13.51 -12.82 18.65
N ASP A 435 14.50 -13.11 17.81
CA ASP A 435 14.80 -12.24 16.68
C ASP A 435 13.70 -12.32 15.65
N GLU A 436 13.17 -13.52 15.46
CA GLU A 436 12.11 -13.69 14.48
C GLU A 436 10.88 -12.87 14.87
N VAL A 437 10.42 -13.00 16.12
CA VAL A 437 9.25 -12.25 16.54
C VAL A 437 9.55 -10.76 16.56
N ARG A 438 10.78 -10.38 16.90
CA ARG A 438 11.13 -8.97 16.90
C ARG A 438 10.73 -8.37 15.54
N ARG A 439 11.27 -8.96 14.47
CA ARG A 439 10.99 -8.53 13.10
C ARG A 439 9.49 -8.51 12.79
N LEU A 440 8.75 -9.43 13.39
CA LEU A 440 7.30 -9.47 13.18
C LEU A 440 6.60 -8.34 13.92
N ALA A 441 7.17 -7.97 15.06
CA ALA A 441 6.63 -6.89 15.88
C ALA A 441 6.77 -5.59 15.10
N LYS A 442 7.94 -5.43 14.51
CA LYS A 442 8.22 -4.25 13.70
C LYS A 442 7.21 -4.24 12.56
N LEU A 443 6.94 -5.40 11.99
CA LEU A 443 5.99 -5.54 10.89
C LEU A 443 4.55 -5.21 11.32
N TYR A 444 4.01 -6.01 12.24
CA TYR A 444 2.64 -5.88 12.71
C TYR A 444 2.28 -4.87 13.81
N GLY A 445 3.28 -4.23 14.42
CA GLY A 445 2.93 -3.28 15.46
C GLY A 445 2.37 -4.10 16.61
N SER A 446 1.75 -3.45 17.58
CA SER A 446 1.21 -4.16 18.74
C SER A 446 0.36 -5.39 18.38
N ASN A 447 -0.08 -5.48 17.13
CA ASN A 447 -0.90 -6.60 16.69
C ASN A 447 -0.11 -7.91 16.64
N VAL A 448 1.15 -7.89 17.08
CA VAL A 448 1.97 -9.11 17.07
C VAL A 448 1.33 -10.18 17.96
N ASP A 449 0.75 -9.75 19.07
CA ASP A 449 0.13 -10.69 19.97
C ASP A 449 -0.80 -11.56 19.14
N HIS A 450 -1.66 -10.92 18.33
CA HIS A 450 -2.60 -11.65 17.49
C HIS A 450 -1.92 -12.67 16.58
N VAL A 451 -0.78 -12.31 16.00
CA VAL A 451 -0.12 -13.24 15.11
C VAL A 451 0.62 -14.28 15.92
N LEU A 452 0.96 -13.92 17.15
CA LEU A 452 1.67 -14.84 18.05
C LEU A 452 0.67 -15.85 18.63
N ASN A 453 -0.62 -15.50 18.66
CA ASN A 453 -1.65 -16.41 19.17
C ASN A 453 -1.97 -17.49 18.16
N TYR A 454 -2.26 -17.06 16.93
CA TYR A 454 -2.57 -17.96 15.80
C TYR A 454 -1.37 -18.87 15.58
N ALA A 455 -0.18 -18.27 15.56
CA ALA A 455 1.05 -19.02 15.38
C ALA A 455 1.18 -20.08 16.48
N TYR A 456 0.91 -19.67 17.70
CA TYR A 456 0.99 -20.58 18.84
C TYR A 456 0.00 -21.72 18.60
N GLU A 457 -1.29 -21.39 18.56
CA GLU A 457 -2.34 -22.36 18.35
C GLU A 457 -2.18 -23.33 17.17
N GLY A 458 -1.55 -22.88 16.10
CA GLY A 458 -1.41 -23.73 14.93
C GLY A 458 -0.09 -24.45 14.69
N LYS A 459 0.61 -24.82 15.75
CA LYS A 459 1.88 -25.52 15.57
C LYS A 459 1.69 -26.88 14.89
N GLU A 460 0.56 -27.55 15.18
CA GLU A 460 0.27 -28.84 14.60
C GLU A 460 -0.17 -28.67 13.16
N GLU A 461 -1.07 -27.72 12.95
CA GLU A 461 -1.60 -27.44 11.62
C GLU A 461 -0.47 -27.10 10.68
N ALA A 462 0.41 -26.22 11.14
CA ALA A 462 1.55 -25.77 10.36
C ALA A 462 2.45 -26.92 9.91
N GLU A 463 2.72 -27.86 10.82
CA GLU A 463 3.57 -29.01 10.53
C GLU A 463 2.89 -29.85 9.45
N HIS A 464 1.62 -30.12 9.64
CA HIS A 464 0.86 -30.91 8.71
C HIS A 464 0.87 -30.28 7.33
N TYR A 465 0.99 -28.96 7.30
CA TYR A 465 1.02 -28.19 6.05
C TYR A 465 2.43 -27.78 5.69
N GLY A 466 3.41 -28.44 6.30
CA GLY A 466 4.81 -28.16 6.02
C GLY A 466 5.25 -26.72 5.87
N LEU A 467 4.83 -25.86 6.80
CA LEU A 467 5.23 -24.46 6.78
C LEU A 467 5.39 -23.98 8.22
N PRO A 468 6.41 -23.15 8.47
CA PRO A 468 6.73 -22.60 9.79
C PRO A 468 5.55 -21.98 10.52
N ALA A 469 5.39 -22.37 11.79
CA ALA A 469 4.28 -21.88 12.62
C ALA A 469 4.08 -20.38 12.57
N LEU A 470 5.18 -19.63 12.60
CA LEU A 470 5.15 -18.17 12.57
C LEU A 470 4.58 -17.66 11.25
N LEU A 471 4.70 -18.44 10.18
CA LEU A 471 4.18 -18.04 8.87
C LEU A 471 2.69 -18.32 8.86
N LEU A 472 2.31 -19.42 9.48
CA LEU A 472 0.92 -19.82 9.59
C LEU A 472 0.16 -18.77 10.41
N GLY A 473 0.85 -18.16 11.37
CA GLY A 473 0.22 -17.14 12.20
C GLY A 473 -0.11 -15.91 11.40
N GLN A 474 0.81 -15.53 10.51
CA GLN A 474 0.65 -14.37 9.65
C GLN A 474 -0.50 -14.53 8.68
N LEU A 475 -0.80 -15.78 8.31
CA LEU A 475 -1.87 -16.12 7.36
C LEU A 475 -3.25 -16.07 7.98
N GLN A 476 -3.40 -16.70 9.15
CA GLN A 476 -4.67 -16.70 9.83
C GLN A 476 -5.03 -15.26 10.21
N TYR A 477 -4.03 -14.49 10.63
CA TYR A 477 -4.27 -13.09 10.98
C TYR A 477 -4.70 -12.39 9.69
N GLY A 478 -3.96 -12.65 8.61
CA GLY A 478 -4.29 -12.05 7.34
C GLY A 478 -5.70 -12.36 6.86
N VAL A 479 -6.11 -13.63 6.97
CA VAL A 479 -7.45 -14.00 6.54
C VAL A 479 -8.49 -13.54 7.54
N GLU A 480 -8.32 -13.88 8.81
CA GLU A 480 -9.30 -13.50 9.83
C GLU A 480 -9.33 -12.06 10.34
N GLN A 481 -8.24 -11.31 10.18
CA GLN A 481 -8.24 -9.92 10.66
C GLN A 481 -7.62 -8.89 9.73
N GLU A 482 -7.19 -9.32 8.54
CA GLU A 482 -6.60 -8.39 7.57
C GLU A 482 -7.31 -8.59 6.22
N MSE A 483 -8.45 -9.28 6.28
CA MSE A 483 -9.27 -9.58 5.11
C MSE A 483 -8.51 -10.05 3.88
O MSE A 483 -8.66 -9.49 2.80
CB MSE A 483 -10.14 -8.38 4.75
CG MSE A 483 -11.56 -8.51 5.28
SE MSE A 483 -12.94 -8.06 4.00
CE MSE A 483 -12.96 -9.66 2.91
N VAL A 484 -7.71 -11.08 4.07
CA VAL A 484 -6.92 -11.65 2.98
C VAL A 484 -7.70 -12.81 2.35
N ALA A 485 -7.98 -12.69 1.04
CA ALA A 485 -8.75 -13.71 0.31
C ALA A 485 -8.00 -14.26 -0.91
N THR A 486 -6.80 -13.75 -1.12
CA THR A 486 -5.99 -14.14 -2.25
C THR A 486 -4.53 -14.37 -1.85
N PRO A 487 -3.79 -15.21 -2.59
CA PRO A 487 -2.38 -15.45 -2.26
C PRO A 487 -1.61 -14.15 -2.56
N LEU A 488 -2.08 -13.43 -3.58
CA LEU A 488 -1.49 -12.16 -3.96
C LEU A 488 -1.67 -11.15 -2.82
N ASP A 489 -2.82 -11.20 -2.16
CA ASP A 489 -3.09 -10.31 -1.04
C ASP A 489 -2.00 -10.45 0.01
N PHE A 490 -1.72 -11.69 0.40
CA PHE A 490 -0.69 -11.98 1.40
C PHE A 490 0.76 -11.73 0.99
N PHE A 491 1.18 -12.33 -0.11
CA PHE A 491 2.55 -12.20 -0.60
C PHE A 491 3.02 -10.82 -1.09
N VAL A 492 2.10 -9.98 -1.56
CA VAL A 492 2.48 -8.64 -2.03
C VAL A 492 2.04 -7.47 -1.14
N ARG A 493 0.88 -7.58 -0.52
CA ARG A 493 0.40 -6.46 0.28
C ARG A 493 0.47 -6.58 1.79
N ARG A 494 0.31 -7.77 2.33
CA ARG A 494 0.36 -7.93 3.77
C ARG A 494 1.81 -8.09 4.22
N THR A 495 2.67 -8.59 3.34
CA THR A 495 4.08 -8.78 3.69
C THR A 495 5.01 -7.99 2.78
N GLY A 496 4.58 -7.79 1.53
CA GLY A 496 5.39 -7.07 0.56
C GLY A 496 6.49 -7.98 0.03
N ALA A 497 6.36 -9.27 0.34
CA ALA A 497 7.36 -10.23 -0.08
C ALA A 497 7.61 -10.26 -1.58
N LEU A 498 6.55 -10.12 -2.37
CA LEU A 498 6.75 -10.18 -3.82
C LEU A 498 7.86 -9.25 -4.25
N PHE A 499 7.89 -8.06 -3.66
CA PHE A 499 8.91 -7.10 -4.02
C PHE A 499 10.22 -7.26 -3.26
N PHE A 500 10.10 -7.41 -1.94
CA PHE A 500 11.30 -7.47 -1.12
C PHE A 500 11.89 -8.80 -0.69
N ASN A 501 11.24 -9.88 -1.08
CA ASN A 501 11.73 -11.21 -0.75
C ASN A 501 11.08 -12.25 -1.66
N ILE A 502 11.06 -11.94 -2.95
CA ILE A 502 10.44 -12.78 -3.96
C ILE A 502 10.84 -14.25 -3.93
N SER A 503 12.04 -14.55 -3.43
CA SER A 503 12.44 -15.97 -3.37
C SER A 503 11.65 -16.65 -2.27
N LEU A 504 11.21 -15.88 -1.27
CA LEU A 504 10.43 -16.41 -0.16
C LEU A 504 9.08 -16.86 -0.68
N VAL A 505 8.46 -16.07 -1.54
CA VAL A 505 7.18 -16.51 -2.09
C VAL A 505 7.38 -17.72 -3.03
N HIS A 506 8.51 -17.80 -3.72
CA HIS A 506 8.74 -18.95 -4.58
C HIS A 506 8.82 -20.20 -3.68
N GLN A 507 9.51 -20.05 -2.55
CA GLN A 507 9.69 -21.14 -1.60
C GLN A 507 8.39 -21.62 -0.98
N TRP A 508 7.49 -20.71 -0.67
CA TRP A 508 6.26 -21.11 -0.02
C TRP A 508 4.96 -21.02 -0.80
N LYS A 509 5.02 -20.78 -2.11
CA LYS A 509 3.79 -20.67 -2.89
C LYS A 509 3.01 -21.99 -2.95
N GLU A 510 3.70 -23.12 -2.92
CA GLU A 510 3.01 -24.41 -2.97
C GLU A 510 2.23 -24.57 -1.68
N ALA A 511 2.97 -24.65 -0.57
CA ALA A 511 2.39 -24.82 0.76
C ALA A 511 1.30 -23.80 1.10
N VAL A 512 1.47 -22.55 0.68
CA VAL A 512 0.46 -21.53 0.97
C VAL A 512 -0.83 -21.75 0.16
N LEU A 513 -0.70 -22.00 -1.13
CA LEU A 513 -1.87 -22.24 -1.97
C LEU A 513 -2.62 -23.48 -1.50
N ARG A 514 -1.88 -24.49 -1.05
CA ARG A 514 -2.48 -25.74 -0.58
C ARG A 514 -3.36 -25.46 0.65
N TRP A 515 -2.87 -24.63 1.56
CA TRP A 515 -3.60 -24.26 2.78
C TRP A 515 -4.81 -23.42 2.46
N MSE A 516 -4.62 -22.34 1.73
CA MSE A 516 -5.73 -21.47 1.37
C MSE A 516 -6.83 -22.28 0.68
O MSE A 516 -8.02 -22.08 0.96
CB MSE A 516 -5.25 -20.34 0.47
CG MSE A 516 -4.59 -19.22 1.25
SE MSE A 516 -4.18 -17.63 0.21
CE MSE A 516 -5.98 -16.99 -0.10
N ALA A 517 -6.44 -23.18 -0.20
CA ALA A 517 -7.39 -24.00 -0.91
C ALA A 517 -8.31 -24.66 0.10
N GLU A 518 -7.71 -25.09 1.20
CA GLU A 518 -8.45 -25.76 2.25
C GLU A 518 -9.21 -24.79 3.15
N GLU A 519 -8.57 -23.70 3.56
CA GLU A 519 -9.21 -22.70 4.42
C GLU A 519 -10.44 -22.07 3.82
N PHE A 520 -10.47 -21.95 2.49
CA PHE A 520 -11.61 -21.32 1.81
C PHE A 520 -12.54 -22.21 1.00
N SER A 521 -12.33 -23.53 1.02
CA SER A 521 -13.16 -24.46 0.27
C SER A 521 -13.17 -24.04 -1.19
N TRP A 522 -11.98 -23.96 -1.77
CA TRP A 522 -11.82 -23.59 -3.17
C TRP A 522 -12.13 -24.74 -4.09
N THR A 523 -12.67 -24.42 -5.26
CA THR A 523 -12.97 -25.41 -6.26
C THR A 523 -11.68 -25.61 -7.07
N GLU A 524 -11.73 -26.47 -8.08
CA GLU A 524 -10.57 -26.70 -8.91
C GLU A 524 -10.30 -25.43 -9.72
N GLU A 525 -11.37 -24.80 -10.19
CA GLU A 525 -11.24 -23.58 -10.98
C GLU A 525 -10.64 -22.45 -10.16
N GLU A 526 -11.00 -22.38 -8.88
CA GLU A 526 -10.49 -21.36 -7.99
C GLU A 526 -9.04 -21.62 -7.65
N LYS A 527 -8.75 -22.88 -7.34
CA LYS A 527 -7.39 -23.24 -7.00
C LYS A 527 -6.48 -22.99 -8.19
N THR A 528 -6.92 -23.42 -9.37
CA THR A 528 -6.10 -23.24 -10.56
C THR A 528 -5.94 -21.76 -10.94
N ARG A 529 -7.05 -21.01 -10.89
CA ARG A 529 -7.06 -19.58 -11.21
C ARG A 529 -6.17 -18.82 -10.24
N PHE A 530 -6.46 -18.96 -8.94
CA PHE A 530 -5.67 -18.28 -7.93
C PHE A 530 -4.18 -18.62 -8.00
N GLN A 531 -3.84 -19.72 -8.67
CA GLN A 531 -2.44 -20.10 -8.81
C GLN A 531 -1.82 -19.42 -10.03
N ASN A 532 -2.61 -19.21 -11.07
CA ASN A 532 -2.12 -18.55 -12.26
C ASN A 532 -1.97 -17.06 -12.01
N GLU A 533 -2.89 -16.51 -11.24
CA GLU A 533 -2.85 -15.09 -10.88
C GLU A 533 -1.49 -14.75 -10.21
N LEU A 534 -1.13 -15.53 -9.19
CA LEU A 534 0.13 -15.34 -8.48
C LEU A 534 1.33 -15.64 -9.37
N GLU A 535 1.27 -16.76 -10.08
CA GLU A 535 2.35 -17.16 -10.98
C GLU A 535 2.57 -16.07 -12.02
N THR A 536 1.48 -15.49 -12.51
CA THR A 536 1.57 -14.43 -13.51
C THR A 536 2.35 -13.20 -13.04
N GLU A 537 2.02 -12.73 -11.84
CA GLU A 537 2.68 -11.54 -11.27
C GLU A 537 4.17 -11.82 -11.03
N LEU A 538 4.47 -13.02 -10.53
CA LEU A 538 5.85 -13.42 -10.25
C LEU A 538 6.67 -13.37 -11.52
N LYS A 539 6.02 -13.62 -12.64
CA LYS A 539 6.69 -13.60 -13.92
C LYS A 539 6.88 -12.17 -14.38
N MSE A 540 5.86 -11.35 -14.20
CA MSE A 540 5.98 -9.97 -14.64
C MSE A 540 6.93 -9.19 -13.73
O MSE A 540 7.53 -8.22 -14.15
CB MSE A 540 4.60 -9.32 -14.67
CG MSE A 540 3.59 -10.22 -15.40
SE MSE A 540 1.90 -9.41 -15.87
CE MSE A 540 1.60 -8.36 -14.25
N ALA A 541 7.08 -9.64 -12.49
CA ALA A 541 7.96 -8.97 -11.55
C ALA A 541 9.38 -8.94 -12.05
N VAL A 542 9.81 -10.02 -12.71
CA VAL A 542 11.18 -10.09 -13.22
C VAL A 542 11.35 -10.01 -14.74
N ASP A 543 10.42 -10.60 -15.48
CA ASP A 543 10.50 -10.61 -16.93
C ASP A 543 9.55 -9.65 -17.62
N PRO A 544 10.10 -8.63 -18.29
CA PRO A 544 9.31 -7.64 -19.00
C PRO A 544 8.81 -8.12 -20.36
N LEU A 545 9.23 -9.32 -20.75
CA LEU A 545 8.79 -9.86 -22.03
C LEU A 545 7.71 -10.93 -21.84
N PHE A 546 7.42 -11.30 -20.59
CA PHE A 546 6.40 -12.31 -20.32
C PHE A 546 5.03 -11.86 -20.87
N GLN A 547 4.57 -12.54 -21.92
CA GLN A 547 3.31 -12.19 -22.54
C GLN A 547 2.11 -12.93 -21.93
N VAL A 548 1.11 -12.13 -21.55
CA VAL A 548 -0.11 -12.60 -20.90
C VAL A 548 -1.01 -13.35 -21.88
N GLU A 549 -2.18 -13.75 -21.39
CA GLU A 549 -3.18 -14.46 -22.19
C GLU A 549 -2.71 -15.86 -22.67
PA FAD B . -5.79 4.58 -4.99
O1A FAD B . -4.70 3.85 -4.30
O2A FAD B . -5.26 4.98 -6.45
O5B FAD B . -7.12 3.65 -5.07
C5B FAD B . -6.80 2.46 -5.75
C4B FAD B . -8.03 1.56 -5.71
O4B FAD B . -9.28 2.09 -6.31
C3B FAD B . -7.73 0.20 -6.35
O3B FAD B . -7.62 -0.82 -5.36
C2B FAD B . -8.93 -0.01 -7.30
O2B FAD B . -9.27 -1.40 -7.29
C1B FAD B . -10.02 0.88 -6.66
N9A FAD B . -11.12 1.10 -7.63
C8A FAD B . -11.04 1.68 -8.87
N7A FAD B . -12.20 1.69 -9.43
C5A FAD B . -13.12 1.11 -8.64
C6A FAD B . -14.55 0.84 -8.72
N6A FAD B . -15.29 1.20 -9.84
N1A FAD B . -15.14 0.22 -7.66
C2A FAD B . -14.44 -0.14 -6.56
N3A FAD B . -13.14 0.10 -6.46
C4A FAD B . -12.44 0.72 -7.45
N1 FAD B . 3.57 9.42 -2.93
C2 FAD B . 4.35 9.96 -1.97
O2 FAD B . 3.82 10.43 -0.99
N3 FAD B . 5.67 9.98 -1.99
C4 FAD B . 6.38 9.49 -3.03
O4 FAD B . 7.58 9.51 -3.03
C4X FAD B . 5.60 8.86 -4.14
N5 FAD B . 6.19 8.38 -5.20
C5X FAD B . 5.49 7.80 -6.23
C6 FAD B . 6.22 7.26 -7.33
C7 FAD B . 5.48 6.69 -8.40
C7M FAD B . 6.18 6.10 -9.58
C8 FAD B . 4.05 6.65 -8.37
C8M FAD B . 3.29 6.03 -9.50
C9 FAD B . 3.34 7.17 -7.30
C9A FAD B . 4.05 7.76 -6.20
N10 FAD B . 3.33 8.30 -5.08
C10 FAD B . 4.10 8.91 -4.04
C1' FAD B . 1.83 8.17 -5.13
C2' FAD B . 0.89 8.76 -4.08
O2' FAD B . 1.32 8.30 -2.80
C3' FAD B . -0.52 8.18 -4.42
O3' FAD B . -0.92 8.66 -5.72
C4' FAD B . -1.69 8.60 -3.50
O4' FAD B . -1.39 8.20 -2.16
C5' FAD B . -2.87 7.76 -3.97
O5' FAD B . -4.15 7.97 -3.34
P FAD B . -4.88 6.70 -4.00
O1P FAD B . -5.18 6.43 -2.56
O2P FAD B . -5.68 7.80 -4.86
O3P FAD B . -6.23 5.91 -4.10
#